data_3EQT
#
_entry.id   3EQT
#
_cell.length_a   116.458
_cell.length_b   54.191
_cell.length_c   67.203
_cell.angle_alpha   90.00
_cell.angle_beta   97.26
_cell.angle_gamma   90.00
#
_symmetry.space_group_name_H-M   'C 1 2 1'
#
loop_
_entity.id
_entity.type
_entity.pdbx_description
1 polymer 'ATP-dependent RNA helicase DHX58'
2 polymer "5'-R(*GP*CP*GP*CP*GP*CP*GP*C)-3'"
3 non-polymer 'ZINC ION'
4 water water
#
loop_
_entity_poly.entity_id
_entity_poly.type
_entity_poly.pdbx_seq_one_letter_code
_entity_poly.pdbx_strand_id
1 'polypeptide(L)'
;ENQRQQFPVEHVQLLCINCMVAVGHGSDLRKVEGTHHVNVNPNFSNYYNVSRDPVVINKVFKDWKPGGVISCRNCGEVWG
LQMIYKSVKLPVLKVRSMLLETPQGRIQAKKWSRVPFSVPDFDFLQHCAENLSDLSLDLEHHHHH
;
A,B
2 'polyribonucleotide' GCGCGCGC C,D
#
# COMPACT_ATOMS: atom_id res chain seq x y z
N GLN A 6 -21.59 10.40 -14.45
CA GLN A 6 -21.54 9.00 -14.96
C GLN A 6 -21.29 8.93 -16.47
N PHE A 7 -20.43 8.00 -16.85
CA PHE A 7 -20.12 7.81 -18.27
C PHE A 7 -20.51 6.43 -18.75
N PRO A 8 -20.88 6.30 -20.04
CA PRO A 8 -21.23 4.97 -20.58
C PRO A 8 -19.93 4.19 -20.39
N VAL A 9 -20.01 2.91 -20.04
CA VAL A 9 -18.81 2.15 -19.76
C VAL A 9 -17.82 2.01 -20.94
N GLU A 10 -18.32 2.05 -22.16
CA GLU A 10 -17.46 1.94 -23.34
C GLU A 10 -16.47 3.13 -23.47
N HIS A 11 -16.70 4.21 -22.71
CA HIS A 11 -15.83 5.40 -22.75
C HIS A 11 -14.84 5.46 -21.61
N VAL A 12 -14.71 4.35 -20.89
CA VAL A 12 -13.81 4.29 -19.75
C VAL A 12 -12.78 3.18 -19.96
N GLN A 13 -11.51 3.58 -20.06
CA GLN A 13 -10.43 2.60 -20.22
C GLN A 13 -9.65 2.51 -18.92
N LEU A 14 -8.92 1.41 -18.74
CA LEU A 14 -8.14 1.17 -17.54
C LEU A 14 -6.64 1.31 -17.83
N LEU A 15 -5.94 2.03 -16.98
CA LEU A 15 -4.50 2.25 -17.12
C LEU A 15 -3.86 1.85 -15.80
N CYS A 16 -2.58 1.46 -15.84
CA CYS A 16 -1.87 1.12 -14.61
C CYS A 16 -1.64 2.45 -13.89
N ILE A 17 -1.96 2.51 -12.61
CA ILE A 17 -1.82 3.75 -11.87
C ILE A 17 -0.38 4.25 -11.79
N ASN A 18 0.57 3.33 -11.87
CA ASN A 18 1.97 3.73 -11.76
C ASN A 18 2.62 4.14 -13.07
N CYS A 19 2.64 3.25 -14.06
CA CYS A 19 3.29 3.57 -15.35
C CYS A 19 2.35 4.15 -16.39
N MET A 20 1.06 4.12 -16.08
CA MET A 20 0.03 4.68 -16.94
C MET A 20 -0.14 4.10 -18.34
N VAL A 21 0.37 2.91 -18.58
CA VAL A 21 0.12 2.29 -19.88
C VAL A 21 -1.33 1.78 -19.84
N ALA A 22 -1.99 1.75 -21.00
CA ALA A 22 -3.37 1.29 -21.11
C ALA A 22 -3.33 -0.21 -20.96
N VAL A 23 -4.10 -0.76 -20.04
CA VAL A 23 -4.07 -2.20 -19.85
C VAL A 23 -5.44 -2.87 -19.98
N GLY A 24 -6.50 -2.08 -20.05
CA GLY A 24 -7.81 -2.69 -20.15
C GLY A 24 -8.97 -1.75 -20.44
N HIS A 25 -10.17 -2.31 -20.31
CA HIS A 25 -11.41 -1.60 -20.62
C HIS A 25 -12.41 -1.73 -19.46
N GLY A 26 -13.07 -0.62 -19.12
CA GLY A 26 -14.02 -0.67 -18.03
C GLY A 26 -15.12 -1.68 -18.37
N SER A 27 -15.40 -1.87 -19.64
CA SER A 27 -16.45 -2.82 -20.03
C SER A 27 -16.12 -4.29 -19.75
N ASP A 28 -14.87 -4.57 -19.35
CA ASP A 28 -14.48 -5.97 -19.05
C ASP A 28 -14.56 -6.30 -17.58
N LEU A 29 -15.02 -5.37 -16.76
CA LEU A 29 -15.10 -5.57 -15.33
C LEU A 29 -16.46 -6.19 -14.99
N ARG A 30 -16.48 -7.01 -13.95
CA ARG A 30 -17.70 -7.67 -13.44
C ARG A 30 -17.50 -7.74 -11.94
N LYS A 31 -18.59 -7.77 -11.18
CA LYS A 31 -18.51 -7.86 -9.74
C LYS A 31 -18.80 -9.28 -9.26
N VAL A 32 -18.04 -9.72 -8.26
CA VAL A 32 -18.22 -11.03 -7.66
C VAL A 32 -18.67 -10.72 -6.23
N GLU A 33 -19.81 -11.33 -5.85
CA GLU A 33 -20.43 -11.10 -4.54
C GLU A 33 -20.77 -9.63 -4.43
N GLY A 34 -21.03 -9.00 -5.56
CA GLY A 34 -21.36 -7.59 -5.58
C GLY A 34 -20.31 -6.67 -4.98
N THR A 35 -19.09 -7.18 -4.74
CA THR A 35 -18.04 -6.39 -4.13
C THR A 35 -16.70 -6.44 -4.89
N HIS A 36 -16.07 -7.61 -4.96
CA HIS A 36 -14.81 -7.77 -5.68
C HIS A 36 -15.04 -7.43 -7.15
N HIS A 37 -14.09 -6.71 -7.75
CA HIS A 37 -14.20 -6.38 -9.18
C HIS A 37 -13.12 -7.15 -9.92
N VAL A 38 -13.54 -7.95 -10.90
CA VAL A 38 -12.60 -8.75 -11.68
C VAL A 38 -12.65 -8.37 -13.14
N ASN A 39 -11.60 -8.68 -13.89
CA ASN A 39 -11.61 -8.36 -15.31
C ASN A 39 -11.76 -9.71 -16.00
N VAL A 40 -12.80 -9.88 -16.80
CA VAL A 40 -13.07 -11.17 -17.45
C VAL A 40 -12.58 -11.32 -18.90
N ASN A 41 -11.84 -10.33 -19.40
CA ASN A 41 -11.33 -10.40 -20.77
C ASN A 41 -10.05 -11.26 -20.74
N PRO A 42 -10.02 -12.35 -21.53
CA PRO A 42 -8.81 -13.19 -21.55
C PRO A 42 -7.54 -12.48 -22.05
N ASN A 43 -7.69 -11.42 -22.84
CA ASN A 43 -6.50 -10.70 -23.33
C ASN A 43 -5.84 -9.90 -22.21
N PHE A 44 -6.58 -9.70 -21.11
CA PHE A 44 -6.04 -8.94 -19.98
C PHE A 44 -4.83 -9.65 -19.36
N SER A 45 -4.76 -10.96 -19.53
CA SER A 45 -3.66 -11.75 -18.98
C SER A 45 -2.30 -11.35 -19.52
N ASN A 46 -2.30 -10.72 -20.69
CA ASN A 46 -1.08 -10.25 -21.33
C ASN A 46 -0.49 -9.01 -20.66
N TYR A 47 -1.24 -8.38 -19.74
CA TYR A 47 -0.78 -7.17 -19.07
C TYR A 47 -0.33 -7.32 -17.62
N TYR A 48 -0.41 -8.53 -17.07
CA TYR A 48 0.02 -8.68 -15.69
C TYR A 48 0.81 -9.96 -15.49
N ASN A 49 1.54 -10.01 -14.38
CA ASN A 49 2.30 -11.21 -14.04
C ASN A 49 1.60 -11.75 -12.81
N VAL A 50 1.78 -13.04 -12.54
CA VAL A 50 1.19 -13.70 -11.37
C VAL A 50 2.36 -14.28 -10.56
N SER A 51 2.37 -14.04 -9.25
CA SER A 51 3.43 -14.55 -8.38
C SER A 51 3.37 -16.09 -8.29
N ARG A 52 4.54 -16.68 -8.09
CA ARG A 52 4.70 -18.13 -8.00
C ARG A 52 3.84 -18.75 -6.92
N ASP A 53 3.90 -18.19 -5.73
CA ASP A 53 3.14 -18.71 -4.59
C ASP A 53 1.83 -17.94 -4.44
N PRO A 54 0.81 -18.58 -3.89
CA PRO A 54 -0.50 -17.93 -3.69
C PRO A 54 -0.55 -17.04 -2.46
N VAL A 55 -1.49 -16.10 -2.46
CA VAL A 55 -1.70 -15.22 -1.31
C VAL A 55 -2.29 -16.09 -0.20
N VAL A 56 -1.84 -15.89 1.03
CA VAL A 56 -2.33 -16.67 2.15
C VAL A 56 -3.43 -15.93 2.91
N ILE A 57 -4.60 -16.57 3.01
CA ILE A 57 -5.75 -16.00 3.71
C ILE A 57 -6.25 -17.00 4.76
N ASN A 58 -6.31 -16.55 6.01
CA ASN A 58 -6.72 -17.37 7.15
C ASN A 58 -8.23 -17.50 7.28
N LYS A 59 -8.87 -17.92 6.21
CA LYS A 59 -10.31 -18.11 6.18
C LYS A 59 -10.62 -18.94 4.96
N VAL A 60 -11.69 -19.72 5.05
CA VAL A 60 -12.12 -20.57 3.95
C VAL A 60 -13.38 -19.97 3.38
N PHE A 61 -13.40 -19.76 2.06
CA PHE A 61 -14.57 -19.18 1.40
C PHE A 61 -15.31 -20.28 0.64
N LYS A 62 -16.62 -20.16 0.60
CA LYS A 62 -17.44 -21.17 -0.06
C LYS A 62 -17.08 -21.46 -1.51
N ASP A 63 -17.14 -20.44 -2.37
CA ASP A 63 -16.91 -20.62 -3.79
C ASP A 63 -15.56 -20.25 -4.38
N TRP A 64 -14.61 -19.82 -3.55
CA TRP A 64 -13.32 -19.47 -4.12
C TRP A 64 -12.15 -19.59 -3.18
N LYS A 65 -10.95 -19.59 -3.77
CA LYS A 65 -9.71 -19.65 -3.04
C LYS A 65 -8.69 -18.79 -3.77
N PRO A 66 -7.82 -18.13 -3.01
CA PRO A 66 -6.79 -17.24 -3.57
C PRO A 66 -5.69 -17.91 -4.36
N GLY A 67 -5.21 -17.17 -5.35
CA GLY A 67 -4.12 -17.60 -6.20
C GLY A 67 -3.01 -16.60 -5.92
N GLY A 68 -2.13 -16.35 -6.90
CA GLY A 68 -1.03 -15.44 -6.67
C GLY A 68 -1.34 -13.95 -6.80
N VAL A 69 -0.34 -13.16 -6.43
CA VAL A 69 -0.42 -11.71 -6.49
C VAL A 69 -0.31 -11.33 -7.96
N ILE A 70 -1.13 -10.38 -8.40
CA ILE A 70 -1.04 -9.95 -9.80
C ILE A 70 -0.45 -8.54 -9.81
N SER A 71 0.47 -8.33 -10.74
CA SER A 71 1.18 -7.05 -10.87
C SER A 71 1.38 -6.64 -12.31
N CYS A 72 1.51 -5.34 -12.54
CA CYS A 72 1.69 -4.82 -13.89
C CYS A 72 2.90 -5.48 -14.53
N ARG A 73 2.73 -5.95 -15.76
CA ARG A 73 3.81 -6.60 -16.48
C ARG A 73 4.88 -5.59 -16.88
N ASN A 74 4.48 -4.34 -17.05
CA ASN A 74 5.41 -3.30 -17.45
C ASN A 74 6.26 -2.71 -16.31
N CYS A 75 5.63 -2.40 -15.18
CA CYS A 75 6.36 -1.77 -14.07
C CYS A 75 6.37 -2.51 -12.74
N GLY A 76 5.65 -3.61 -12.62
CA GLY A 76 5.66 -4.33 -11.34
C GLY A 76 4.67 -3.84 -10.28
N GLU A 77 3.91 -2.80 -10.56
CA GLU A 77 2.93 -2.29 -9.61
C GLU A 77 1.96 -3.40 -9.22
N VAL A 78 1.72 -3.61 -7.93
CA VAL A 78 0.79 -4.66 -7.48
C VAL A 78 -0.64 -4.17 -7.73
N TRP A 79 -1.46 -5.00 -8.37
CA TRP A 79 -2.83 -4.63 -8.71
C TRP A 79 -3.92 -5.37 -7.89
N GLY A 80 -3.56 -6.47 -7.27
CA GLY A 80 -4.54 -7.23 -6.51
C GLY A 80 -4.12 -8.67 -6.45
N LEU A 81 -5.08 -9.58 -6.62
CA LEU A 81 -4.76 -11.00 -6.57
C LEU A 81 -5.64 -11.82 -7.49
N GLN A 82 -5.24 -13.06 -7.68
CA GLN A 82 -5.98 -13.99 -8.50
C GLN A 82 -7.03 -14.67 -7.63
N MET A 83 -8.25 -14.74 -8.13
CA MET A 83 -9.33 -15.40 -7.41
C MET A 83 -9.61 -16.66 -8.22
N ILE A 84 -9.62 -17.83 -7.58
CA ILE A 84 -9.93 -19.04 -8.33
C ILE A 84 -11.36 -19.33 -7.88
N TYR A 85 -12.30 -18.91 -8.73
CA TYR A 85 -13.73 -19.02 -8.46
C TYR A 85 -14.26 -20.29 -9.09
N LYS A 86 -14.70 -21.22 -8.25
CA LYS A 86 -15.23 -22.49 -8.72
C LYS A 86 -14.32 -23.06 -9.81
N SER A 87 -13.02 -23.04 -9.52
CA SER A 87 -12.00 -23.55 -10.44
C SER A 87 -11.60 -22.65 -11.60
N VAL A 88 -12.28 -21.51 -11.75
CA VAL A 88 -11.93 -20.58 -12.82
C VAL A 88 -11.11 -19.42 -12.27
N LYS A 89 -9.95 -19.15 -12.87
CA LYS A 89 -9.07 -18.07 -12.42
C LYS A 89 -9.57 -16.72 -12.92
N LEU A 90 -9.66 -15.76 -12.02
CA LEU A 90 -10.12 -14.39 -12.33
C LEU A 90 -9.22 -13.36 -11.60
N PRO A 91 -8.73 -12.35 -12.32
CA PRO A 91 -7.88 -11.33 -11.69
C PRO A 91 -8.76 -10.32 -10.97
N VAL A 92 -8.59 -10.21 -9.65
CA VAL A 92 -9.32 -9.29 -8.79
C VAL A 92 -8.48 -8.02 -8.66
N LEU A 93 -9.04 -6.88 -9.05
CA LEU A 93 -8.32 -5.63 -9.04
C LEU A 93 -8.64 -4.67 -7.89
N LYS A 94 -7.61 -4.06 -7.34
CA LYS A 94 -7.76 -3.05 -6.29
C LYS A 94 -8.14 -1.77 -7.07
N VAL A 95 -9.16 -1.03 -6.63
CA VAL A 95 -9.57 0.16 -7.39
C VAL A 95 -8.47 1.21 -7.51
N ARG A 96 -7.66 1.35 -6.47
CA ARG A 96 -6.61 2.38 -6.53
C ARG A 96 -5.54 2.08 -7.56
N SER A 97 -5.46 0.82 -8.02
CA SER A 97 -4.44 0.41 -8.98
C SER A 97 -4.81 0.72 -10.41
N MET A 98 -6.09 0.95 -10.66
CA MET A 98 -6.57 1.20 -12.00
C MET A 98 -7.00 2.65 -12.25
N LEU A 99 -6.11 3.42 -12.88
CA LEU A 99 -6.38 4.81 -13.22
C LEU A 99 -7.41 4.78 -14.35
N LEU A 100 -8.46 5.57 -14.21
CA LEU A 100 -9.52 5.59 -15.21
C LEU A 100 -9.36 6.64 -16.27
N GLU A 101 -9.34 6.23 -17.53
CA GLU A 101 -9.23 7.17 -18.64
C GLU A 101 -10.67 7.41 -19.12
N THR A 102 -11.18 8.62 -18.94
CA THR A 102 -12.57 8.97 -19.28
C THR A 102 -12.63 10.18 -20.21
N PRO A 103 -13.84 10.51 -20.68
CA PRO A 103 -13.97 11.66 -21.57
C PRO A 103 -13.60 12.98 -20.88
N GLN A 104 -13.59 12.97 -19.55
CA GLN A 104 -13.25 14.17 -18.77
C GLN A 104 -11.84 14.14 -18.18
N GLY A 105 -11.01 13.22 -18.67
CA GLY A 105 -9.64 13.11 -18.18
C GLY A 105 -9.39 11.85 -17.37
N ARG A 106 -8.20 11.74 -16.82
CA ARG A 106 -7.85 10.58 -16.02
C ARG A 106 -8.34 10.79 -14.61
N ILE A 107 -8.96 9.77 -14.07
CA ILE A 107 -9.55 9.79 -12.73
C ILE A 107 -9.08 8.65 -11.85
N GLN A 108 -8.65 8.96 -10.63
CA GLN A 108 -8.24 7.92 -9.69
C GLN A 108 -9.43 7.75 -8.71
N ALA A 109 -10.12 6.62 -8.75
CA ALA A 109 -11.26 6.42 -7.82
C ALA A 109 -10.76 5.79 -6.52
N LYS A 110 -11.43 6.07 -5.41
CA LYS A 110 -11.02 5.52 -4.12
C LYS A 110 -11.82 4.30 -3.71
N LYS A 111 -12.97 4.09 -4.37
CA LYS A 111 -13.85 2.95 -4.08
C LYS A 111 -14.55 2.43 -5.35
N TRP A 112 -14.49 1.11 -5.57
CA TRP A 112 -15.15 0.52 -6.74
C TRP A 112 -16.64 0.85 -6.70
N SER A 113 -17.22 0.87 -5.50
CA SER A 113 -18.66 1.16 -5.38
C SER A 113 -18.98 2.58 -5.80
N ARG A 114 -17.95 3.43 -5.97
CA ARG A 114 -18.22 4.79 -6.39
C ARG A 114 -17.67 5.23 -7.74
N VAL A 115 -17.28 4.30 -8.60
CA VAL A 115 -16.78 4.71 -9.90
C VAL A 115 -17.89 5.34 -10.75
N PRO A 116 -17.53 6.21 -11.70
CA PRO A 116 -18.51 6.88 -12.57
C PRO A 116 -19.12 6.07 -13.72
N PHE A 117 -19.34 4.78 -13.49
CA PHE A 117 -19.96 3.93 -14.50
C PHE A 117 -20.50 2.67 -13.85
N SER A 118 -21.50 2.06 -14.49
CA SER A 118 -22.09 0.87 -13.94
C SER A 118 -21.30 -0.38 -14.36
N VAL A 119 -21.29 -1.38 -13.49
CA VAL A 119 -20.59 -2.63 -13.74
C VAL A 119 -21.57 -3.79 -13.47
N PRO A 120 -21.64 -4.77 -14.40
CA PRO A 120 -22.55 -5.91 -14.20
C PRO A 120 -22.02 -6.95 -13.25
N ASP A 121 -22.94 -7.72 -12.64
CA ASP A 121 -22.51 -8.77 -11.73
C ASP A 121 -21.98 -9.89 -12.58
N PHE A 122 -21.02 -10.62 -12.03
CA PHE A 122 -20.41 -11.74 -12.72
C PHE A 122 -21.45 -12.83 -12.88
N ASP A 123 -21.50 -13.46 -14.04
CA ASP A 123 -22.42 -14.57 -14.26
C ASP A 123 -21.62 -15.73 -14.85
N PHE A 124 -21.41 -16.77 -14.05
CA PHE A 124 -20.62 -17.92 -14.46
C PHE A 124 -21.07 -18.51 -15.80
N LEU A 125 -22.35 -18.81 -15.90
CA LEU A 125 -22.91 -19.34 -17.14
C LEU A 125 -22.54 -18.44 -18.32
N GLN A 126 -22.70 -17.14 -18.13
CA GLN A 126 -22.38 -16.16 -19.17
C GLN A 126 -20.89 -16.24 -19.52
N HIS A 127 -20.06 -16.31 -18.50
CA HIS A 127 -18.60 -16.37 -18.68
C HIS A 127 -18.23 -17.58 -19.56
N CYS A 128 -18.89 -18.70 -19.31
CA CYS A 128 -18.65 -19.92 -20.08
C CYS A 128 -19.03 -19.73 -21.55
N ALA A 129 -20.10 -19.00 -21.80
CA ALA A 129 -20.54 -18.76 -23.16
C ALA A 129 -19.49 -17.94 -23.90
N GLU A 130 -19.08 -16.81 -23.31
CA GLU A 130 -18.08 -15.94 -23.93
C GLU A 130 -16.68 -16.57 -24.03
N ASN A 131 -16.45 -17.73 -23.42
CA ASN A 131 -15.11 -18.32 -23.44
C ASN A 131 -14.93 -19.77 -23.86
N LEU A 132 -15.99 -20.41 -24.36
CA LEU A 132 -15.85 -21.79 -24.81
C LEU A 132 -16.11 -21.85 -26.31
N ARG B 4 1.71 -12.27 23.95
CA ARG B 4 1.79 -12.08 25.43
C ARG B 4 3.13 -11.44 25.80
N GLN B 5 4.22 -12.20 25.73
CA GLN B 5 5.52 -11.63 26.07
C GLN B 5 5.78 -10.33 25.33
N GLN B 6 6.26 -9.33 26.06
CA GLN B 6 6.54 -8.02 25.48
C GLN B 6 8.04 -7.84 25.41
N PHE B 7 8.57 -7.55 24.23
CA PHE B 7 10.01 -7.34 24.05
C PHE B 7 10.48 -5.89 24.14
N PRO B 8 11.76 -5.68 24.53
CA PRO B 8 12.30 -4.32 24.62
C PRO B 8 12.25 -3.83 23.16
N VAL B 9 11.93 -2.56 22.93
CA VAL B 9 11.84 -2.05 21.57
C VAL B 9 13.17 -2.09 20.81
N GLU B 10 14.28 -2.03 21.55
CA GLU B 10 15.61 -2.07 20.94
C GLU B 10 15.92 -3.46 20.37
N HIS B 11 15.13 -4.46 20.74
CA HIS B 11 15.36 -5.82 20.25
C HIS B 11 14.46 -6.22 19.10
N VAL B 12 13.83 -5.21 18.50
CA VAL B 12 12.95 -5.46 17.37
C VAL B 12 13.46 -4.63 16.20
N GLN B 13 13.80 -5.31 15.12
CA GLN B 13 14.29 -4.64 13.92
C GLN B 13 13.18 -4.71 12.88
N LEU B 14 13.16 -3.74 11.97
CA LEU B 14 12.13 -3.69 10.94
C LEU B 14 12.75 -4.02 9.59
N LEU B 15 12.09 -4.93 8.87
CA LEU B 15 12.56 -5.34 7.55
C LEU B 15 11.41 -5.21 6.57
N CYS B 16 11.73 -4.91 5.30
CA CYS B 16 10.68 -4.82 4.31
C CYS B 16 10.09 -6.21 4.14
N ILE B 17 8.79 -6.32 4.34
CA ILE B 17 8.10 -7.59 4.23
C ILE B 17 8.32 -8.26 2.87
N ASN B 18 8.80 -7.49 1.89
CA ASN B 18 9.03 -8.02 0.55
C ASN B 18 10.45 -8.51 0.33
N CYS B 19 11.38 -7.57 0.10
CA CYS B 19 12.78 -7.93 -0.15
C CYS B 19 13.52 -8.34 1.10
N MET B 20 12.95 -8.02 2.26
CA MET B 20 13.52 -8.37 3.56
C MET B 20 14.82 -7.65 3.93
N VAL B 21 15.00 -6.43 3.46
CA VAL B 21 16.21 -5.69 3.80
C VAL B 21 15.94 -5.02 5.16
N ALA B 22 16.98 -4.93 6.00
CA ALA B 22 16.87 -4.30 7.30
C ALA B 22 16.82 -2.79 7.11
N VAL B 23 15.65 -2.21 7.31
CA VAL B 23 15.47 -0.77 7.12
C VAL B 23 15.35 0.07 8.38
N GLY B 24 15.00 -0.55 9.50
CA GLY B 24 14.87 0.22 10.71
C GLY B 24 14.80 -0.54 12.01
N HIS B 25 14.51 0.20 13.09
CA HIS B 25 14.45 -0.38 14.41
C HIS B 25 13.15 -0.05 15.11
N GLY B 26 12.67 -0.98 15.92
CA GLY B 26 11.43 -0.77 16.64
C GLY B 26 11.48 0.45 17.55
N SER B 27 12.68 0.80 18.01
CA SER B 27 12.85 1.94 18.91
C SER B 27 12.62 3.28 18.21
N ASP B 28 12.60 3.28 16.88
CA ASP B 28 12.37 4.52 16.13
C ASP B 28 10.90 4.81 15.84
N LEU B 29 10.00 3.97 16.31
CA LEU B 29 8.58 4.20 16.07
C LEU B 29 7.91 5.05 17.17
N ARG B 30 6.92 5.85 16.80
CA ARG B 30 6.14 6.67 17.73
C ARG B 30 4.72 6.66 17.19
N LYS B 31 3.73 6.83 18.07
CA LYS B 31 2.33 6.87 17.66
C LYS B 31 1.82 8.33 17.59
N VAL B 32 1.14 8.65 16.48
CA VAL B 32 0.54 9.98 16.29
C VAL B 32 -0.96 9.77 16.39
N GLU B 33 -1.62 10.51 17.28
CA GLU B 33 -3.06 10.36 17.50
C GLU B 33 -3.35 8.97 18.07
N GLY B 34 -2.32 8.33 18.60
CA GLY B 34 -2.48 7.01 19.16
C GLY B 34 -2.78 5.93 18.13
N THR B 35 -2.67 6.27 16.84
CA THR B 35 -2.98 5.30 15.79
C THR B 35 -1.91 5.17 14.72
N HIS B 36 -1.56 6.29 14.09
CA HIS B 36 -0.54 6.29 13.04
C HIS B 36 0.84 5.96 13.61
N HIS B 37 1.55 5.06 12.95
CA HIS B 37 2.88 4.70 13.43
C HIS B 37 3.92 5.28 12.52
N VAL B 38 4.68 6.23 13.03
CA VAL B 38 5.71 6.86 12.24
C VAL B 38 7.11 6.52 12.74
N ASN B 39 8.06 6.62 11.84
CA ASN B 39 9.44 6.37 12.21
C ASN B 39 10.05 7.77 12.34
N VAL B 40 10.69 8.06 13.47
CA VAL B 40 11.27 9.40 13.67
C VAL B 40 12.77 9.47 13.50
N ASN B 41 13.38 8.39 13.05
CA ASN B 41 14.82 8.39 12.84
C ASN B 41 15.03 9.05 11.48
N PRO B 42 15.72 10.19 11.45
CA PRO B 42 15.94 10.86 10.16
C PRO B 42 16.67 9.97 9.14
N ASN B 43 17.57 9.13 9.63
CA ASN B 43 18.35 8.25 8.77
C ASN B 43 17.48 7.22 8.06
N PHE B 44 16.22 7.12 8.47
CA PHE B 44 15.30 6.16 7.86
C PHE B 44 14.94 6.58 6.43
N SER B 45 15.07 7.87 6.14
CA SER B 45 14.75 8.41 4.83
C SER B 45 15.48 7.68 3.69
N ASN B 46 16.72 7.30 3.96
CA ASN B 46 17.56 6.61 2.98
C ASN B 46 17.06 5.25 2.54
N TYR B 47 16.00 4.76 3.16
CA TYR B 47 15.49 3.44 2.80
C TYR B 47 14.18 3.45 2.03
N TYR B 48 13.63 4.62 1.73
CA TYR B 48 12.37 4.66 0.99
C TYR B 48 12.25 5.75 -0.05
N ASN B 49 11.31 5.55 -0.98
CA ASN B 49 11.06 6.53 -2.03
C ASN B 49 9.71 7.21 -1.80
N VAL B 50 9.59 8.43 -2.32
CA VAL B 50 8.35 9.20 -2.18
C VAL B 50 7.91 9.72 -3.55
N SER B 51 6.71 9.33 -3.97
CA SER B 51 6.16 9.76 -5.25
C SER B 51 5.80 11.22 -5.13
N ARG B 52 6.18 12.05 -6.10
CA ARG B 52 5.79 13.44 -5.98
C ARG B 52 4.44 13.62 -6.67
N ASP B 53 3.43 13.34 -5.86
CA ASP B 53 2.02 13.42 -6.17
C ASP B 53 1.48 12.94 -4.82
N PRO B 54 1.10 13.90 -3.96
CA PRO B 54 0.58 13.59 -2.63
C PRO B 54 -0.66 12.71 -2.65
N VAL B 55 -0.82 11.92 -1.59
CA VAL B 55 -1.99 11.06 -1.45
C VAL B 55 -3.16 12.01 -1.32
N VAL B 56 -4.29 11.66 -1.93
CA VAL B 56 -5.45 12.52 -1.86
C VAL B 56 -6.41 12.04 -0.79
N ILE B 57 -6.84 12.96 0.06
CA ILE B 57 -7.79 12.67 1.12
C ILE B 57 -8.78 13.83 1.17
N ASN B 58 -10.06 13.52 0.95
CA ASN B 58 -11.07 14.57 0.95
C ASN B 58 -11.53 14.94 2.35
N LYS B 59 -10.56 15.31 3.18
CA LYS B 59 -10.84 15.69 4.55
C LYS B 59 -9.67 16.54 5.03
N VAL B 60 -9.97 17.63 5.74
CA VAL B 60 -8.92 18.49 6.23
C VAL B 60 -8.64 18.20 7.70
N PHE B 61 -7.37 17.98 8.03
CA PHE B 61 -6.99 17.68 9.40
C PHE B 61 -6.32 18.90 10.02
N LYS B 62 -6.64 19.16 11.29
CA LYS B 62 -6.10 20.30 12.01
C LYS B 62 -4.58 20.36 12.09
N ASP B 63 -3.95 19.26 12.48
CA ASP B 63 -2.50 19.25 12.62
C ASP B 63 -1.66 18.66 11.49
N TRP B 64 -2.29 18.01 10.51
CA TRP B 64 -1.48 17.45 9.43
C TRP B 64 -2.18 17.32 8.08
N LYS B 65 -1.39 17.17 7.03
CA LYS B 65 -1.91 17.01 5.67
C LYS B 65 -1.08 15.91 5.03
N PRO B 66 -1.66 15.16 4.07
CA PRO B 66 -0.93 14.09 3.40
C PRO B 66 0.17 14.53 2.46
N GLY B 67 1.17 13.66 2.31
CA GLY B 67 2.30 13.91 1.44
C GLY B 67 2.33 12.76 0.43
N GLY B 68 3.52 12.46 -0.10
CA GLY B 68 3.63 11.39 -1.09
C GLY B 68 3.49 9.96 -0.58
N VAL B 69 3.38 9.02 -1.52
CA VAL B 69 3.27 7.61 -1.19
C VAL B 69 4.68 7.10 -0.94
N ILE B 70 4.87 6.36 0.15
CA ILE B 70 6.20 5.85 0.50
C ILE B 70 6.37 4.36 0.19
N SER B 71 7.54 3.99 -0.31
CA SER B 71 7.82 2.59 -0.67
C SER B 71 9.30 2.21 -0.58
N CYS B 72 9.57 0.91 -0.43
CA CYS B 72 10.95 0.43 -0.32
C CYS B 72 11.78 0.98 -1.47
N ARG B 73 12.92 1.56 -1.12
CA ARG B 73 13.85 2.15 -2.08
C ARG B 73 14.60 1.01 -2.76
N ASN B 74 14.41 -0.19 -2.23
CA ASN B 74 15.07 -1.38 -2.75
C ASN B 74 14.19 -2.22 -3.70
N CYS B 75 12.95 -2.50 -3.31
CA CYS B 75 12.06 -3.31 -4.14
C CYS B 75 10.82 -2.54 -4.61
N GLY B 76 10.56 -1.39 -4.00
CA GLY B 76 9.39 -0.61 -4.40
C GLY B 76 8.07 -1.01 -3.75
N GLU B 77 8.12 -1.91 -2.77
CA GLU B 77 6.90 -2.32 -2.08
C GLU B 77 6.37 -1.09 -1.35
N VAL B 78 5.05 -0.90 -1.37
CA VAL B 78 4.42 0.24 -0.71
C VAL B 78 4.38 0.03 0.81
N TRP B 79 4.87 1.02 1.55
CA TRP B 79 4.88 0.95 3.01
C TRP B 79 3.79 1.81 3.64
N GLY B 80 3.33 2.82 2.91
CA GLY B 80 2.29 3.69 3.44
C GLY B 80 2.33 5.08 2.84
N LEU B 81 2.31 6.10 3.70
CA LEU B 81 2.34 7.47 3.21
C LEU B 81 3.09 8.43 4.13
N GLN B 82 3.53 9.52 3.53
CA GLN B 82 4.25 10.56 4.25
C GLN B 82 3.21 11.44 4.93
N MET B 83 3.47 11.81 6.18
CA MET B 83 2.58 12.67 6.93
C MET B 83 3.32 13.98 7.17
N ILE B 84 2.72 15.09 6.77
CA ILE B 84 3.32 16.39 7.01
C ILE B 84 2.57 16.93 8.21
N TYR B 85 3.14 16.67 9.39
CA TYR B 85 2.58 17.06 10.67
C TYR B 85 3.18 18.40 11.09
N LYS B 86 2.32 19.39 11.32
CA LYS B 86 2.76 20.73 11.70
C LYS B 86 4.04 21.14 10.97
N SER B 87 4.09 20.87 9.67
CA SER B 87 5.22 21.21 8.81
C SER B 87 6.37 20.19 8.74
N VAL B 88 6.29 19.13 9.53
CA VAL B 88 7.34 18.13 9.52
C VAL B 88 6.93 16.85 8.80
N LYS B 89 7.79 16.38 7.91
CA LYS B 89 7.48 15.18 7.16
C LYS B 89 7.82 13.92 7.96
N LEU B 90 6.81 13.08 8.19
CA LEU B 90 6.98 11.84 8.94
C LEU B 90 6.48 10.63 8.16
N PRO B 91 7.33 9.63 7.95
CA PRO B 91 6.89 8.46 7.20
C PRO B 91 5.95 7.62 8.06
N VAL B 92 4.75 7.37 7.55
CA VAL B 92 3.73 6.60 8.26
C VAL B 92 3.74 5.19 7.66
N LEU B 93 3.95 4.19 8.52
CA LEU B 93 4.05 2.81 8.07
C LEU B 93 2.89 1.87 8.40
N LYS B 94 2.37 1.16 7.40
CA LYS B 94 1.31 0.21 7.71
C LYS B 94 2.04 -1.01 8.29
N VAL B 95 1.46 -1.60 9.33
CA VAL B 95 2.08 -2.75 9.98
C VAL B 95 2.39 -3.91 9.04
N ARG B 96 1.41 -4.27 8.20
CA ARG B 96 1.56 -5.39 7.27
C ARG B 96 2.67 -5.24 6.22
N SER B 97 3.28 -4.07 6.13
CA SER B 97 4.35 -3.87 5.16
C SER B 97 5.71 -4.07 5.83
N MET B 98 5.69 -4.27 7.14
CA MET B 98 6.91 -4.47 7.92
C MET B 98 7.03 -5.90 8.43
N LEU B 99 8.25 -6.41 8.43
CA LEU B 99 8.54 -7.74 8.94
C LEU B 99 9.30 -7.44 10.23
N LEU B 100 8.81 -7.96 11.35
CA LEU B 100 9.45 -7.72 12.64
C LEU B 100 10.41 -8.82 13.04
N GLU B 101 11.69 -8.47 13.21
CA GLU B 101 12.68 -9.44 13.62
C GLU B 101 12.92 -9.31 15.12
N THR B 102 12.32 -10.23 15.88
CA THR B 102 12.45 -10.23 17.33
C THR B 102 13.49 -11.26 17.77
N PRO B 103 13.80 -11.31 19.07
CA PRO B 103 14.78 -12.26 19.60
C PRO B 103 14.31 -13.71 19.40
N GLN B 104 13.04 -13.86 19.04
CA GLN B 104 12.48 -15.18 18.82
C GLN B 104 11.95 -15.33 17.39
N GLY B 105 12.80 -15.05 16.42
CA GLY B 105 12.41 -15.19 15.04
C GLY B 105 11.60 -14.03 14.47
N ARG B 106 11.50 -14.00 13.14
CA ARG B 106 10.76 -12.96 12.45
C ARG B 106 9.27 -13.10 12.68
N ILE B 107 8.57 -11.99 12.68
CA ILE B 107 7.12 -11.97 12.91
C ILE B 107 6.45 -10.89 12.09
N GLN B 108 5.39 -11.25 11.36
CA GLN B 108 4.66 -10.24 10.59
C GLN B 108 3.31 -10.06 11.26
N ALA B 109 3.14 -8.92 11.92
CA ALA B 109 1.90 -8.61 12.60
C ALA B 109 0.92 -8.08 11.59
N LYS B 110 -0.36 -8.15 11.90
CA LYS B 110 -1.37 -7.65 10.99
C LYS B 110 -2.06 -6.41 11.55
N LYS B 111 -1.67 -6.02 12.77
CA LYS B 111 -2.26 -4.84 13.39
C LYS B 111 -1.26 -4.21 14.35
N TRP B 112 -0.97 -2.93 14.19
CA TRP B 112 -0.05 -2.25 15.09
C TRP B 112 -0.50 -2.43 16.53
N SER B 113 -1.81 -2.50 16.73
CA SER B 113 -2.37 -2.66 18.07
C SER B 113 -2.17 -4.06 18.66
N ARG B 114 -1.25 -4.84 18.10
CA ARG B 114 -0.98 -6.18 18.60
C ARG B 114 0.46 -6.64 18.40
N VAL B 115 1.39 -5.70 18.32
CA VAL B 115 2.79 -6.06 18.15
C VAL B 115 3.30 -6.37 19.55
N PRO B 116 4.31 -7.25 19.66
CA PRO B 116 4.87 -7.64 20.96
C PRO B 116 5.86 -6.64 21.55
N PHE B 117 5.50 -5.36 21.50
CA PHE B 117 6.31 -4.29 22.05
C PHE B 117 5.48 -3.01 22.15
N SER B 118 5.92 -2.09 23.00
CA SER B 118 5.17 -0.86 23.22
C SER B 118 5.77 0.36 22.51
N VAL B 119 4.99 0.91 21.58
CA VAL B 119 5.43 2.10 20.85
C VAL B 119 4.97 3.35 21.62
N PRO B 120 5.91 4.21 22.04
CA PRO B 120 5.49 5.40 22.78
C PRO B 120 4.85 6.49 21.90
N ASP B 121 4.24 7.49 22.52
CA ASP B 121 3.59 8.54 21.76
C ASP B 121 4.59 9.50 21.10
N PHE B 122 4.18 10.05 19.96
CA PHE B 122 5.03 11.02 19.27
C PHE B 122 4.90 12.30 20.07
N ASP B 123 5.98 13.05 20.22
CA ASP B 123 5.93 14.31 20.97
C ASP B 123 6.57 15.33 20.05
N PHE B 124 5.76 16.23 19.52
CA PHE B 124 6.28 17.22 18.58
C PHE B 124 7.44 18.06 19.10
N LEU B 125 7.30 18.61 20.31
CA LEU B 125 8.37 19.44 20.85
C LEU B 125 9.65 18.63 21.00
N GLN B 126 9.52 17.40 21.50
CA GLN B 126 10.68 16.54 21.66
C GLN B 126 11.32 16.34 20.29
N HIS B 127 10.50 15.98 19.30
CA HIS B 127 11.03 15.77 17.95
C HIS B 127 11.77 17.02 17.47
N CYS B 128 11.16 18.17 17.69
CA CYS B 128 11.79 19.41 17.25
C CYS B 128 13.13 19.64 17.93
N ALA B 129 13.17 19.52 19.26
CA ALA B 129 14.41 19.71 19.99
C ALA B 129 15.48 18.76 19.46
N GLU B 130 15.18 17.46 19.45
CA GLU B 130 16.11 16.45 18.94
C GLU B 130 16.67 16.82 17.58
N ASN B 131 15.87 17.53 16.79
CA ASN B 131 16.29 17.89 15.45
C ASN B 131 16.69 19.34 15.19
N LEU B 132 16.64 20.19 16.21
CA LEU B 132 17.05 21.57 16.01
C LEU B 132 18.57 21.59 15.97
N SER B 133 19.11 22.19 14.91
CA SER B 133 20.56 22.27 14.71
C SER B 133 21.32 22.98 15.83
N ASP B 134 22.23 22.26 16.47
CA ASP B 134 23.07 22.84 17.51
C ASP B 134 24.44 22.98 16.85
N LEU B 135 24.69 24.16 16.27
CA LEU B 135 25.94 24.42 15.56
C LEU B 135 27.21 24.27 16.38
N SER B 136 27.10 24.37 17.70
CA SER B 136 28.26 24.25 18.57
C SER B 136 28.83 22.83 18.54
N LEU B 137 28.05 21.89 18.01
CA LEU B 137 28.48 20.50 17.91
C LEU B 137 29.54 20.30 16.83
N ASP B 138 29.53 21.18 15.83
CA ASP B 138 30.49 21.10 14.74
C ASP B 138 31.86 21.64 15.18
N LEU B 139 32.88 20.81 15.05
CA LEU B 139 34.25 21.14 15.45
C LEU B 139 34.78 22.51 15.01
N GLU B 140 34.44 22.94 13.80
CA GLU B 140 34.91 24.21 13.26
C GLU B 140 34.02 25.42 13.56
N HIS B 141 33.09 25.27 14.49
CA HIS B 141 32.20 26.38 14.84
C HIS B 141 32.78 27.12 16.05
N HIS B 142 32.67 28.44 16.06
CA HIS B 142 33.23 29.21 17.17
C HIS B 142 32.60 28.92 18.54
N HIS B 143 31.46 28.25 18.57
CA HIS B 143 30.82 27.91 19.84
C HIS B 143 31.32 26.54 20.34
N HIS B 144 31.97 25.79 19.45
CA HIS B 144 32.46 24.46 19.82
C HIS B 144 33.62 24.47 20.81
N HIS B 145 33.46 23.74 21.91
CA HIS B 145 34.48 23.65 22.95
C HIS B 145 35.02 22.23 23.12
#